data_7ESK
#
_entry.id   7ESK
#
_cell.length_a   58.113
_cell.length_b   65.267
_cell.length_c   107.008
_cell.angle_alpha   90.000
_cell.angle_beta   90.000
_cell.angle_gamma   90.000
#
_symmetry.space_group_name_H-M   'P 21 21 21'
#
loop_
_entity.id
_entity.type
_entity.pdbx_description
1 polymer 'L-Rhamnose-alpha-1,4-D-glucuronate lyase'
2 branched alpha-D-mannopyranose-(1-3)-beta-D-mannopyranose-(1-4)-2-acetamido-2-deoxy-beta-D-glucopyranose-(1-4)-2-acetamido-2-deoxy-beta-D-glucopyranose
3 non-polymer 'CALCIUM ION'
4 non-polymer 'SODIUM ION'
5 water water
#
_entity_poly.entity_id   1
_entity_poly.type   'polypeptide(L)'
_entity_poly.pdbx_seq_one_letter_code
;EFLTVKSTKQWTIGTDVQGSERLNGVSYQEDALITYGDYQYVTFYETAPAGYLNHFVKVGRRRVSPSVGDWEFLTLDDYT
QKTMDGHNMISMGISGDGKIHLSFDHHDVPINYRISKNGIAKDVPSKWTSDLFDPVVHELVGSQGPYSPLTYPRFEPLGN
GDLLLEFRIGQSGSGDSYIHRYSASTGKWQAYGMYIQGDDNNAYINGLDYLDGKLYTSWTVRETPNADTNHGVYFAYSND
DGKTWFNTNDTKLTKPISTSDDSTLIWDIPQNSRMVNQEGQLIDTKGRFHILMRDLLSGEHQYQHYLRKADGTWTKNAIN
PAGLNGPDLYDPRGKLAGDASGEYLFGILPDPVKQSTGIYVATASKDFKDWKSLAEIPNTSTEPLFDKTRLHESGILSVF
VRQAGGFPDRKLQVWDFELDLLEQKLISEEDLNSAVDHHHHHH
;
_entity_poly.pdbx_strand_id   A
#
loop_
_chem_comp.id
_chem_comp.type
_chem_comp.name
_chem_comp.formula
BMA D-saccharide, beta linking beta-D-mannopyranose 'C6 H12 O6'
CA non-polymer 'CALCIUM ION' 'Ca 2'
MAN D-saccharide, alpha linking alpha-D-mannopyranose 'C6 H12 O6'
NA non-polymer 'SODIUM ION' 'Na 1'
NAG D-saccharide, beta linking 2-acetamido-2-deoxy-beta-D-glucopyranose 'C8 H15 N O6'
#
# COMPACT_ATOMS: atom_id res chain seq x y z
N LEU A 3 12.25 18.21 14.43
CA LEU A 3 11.39 18.37 13.19
C LEU A 3 10.02 18.92 13.57
N THR A 4 9.62 19.90 12.73
CA THR A 4 8.39 20.52 12.85
C THR A 4 7.68 20.63 11.45
N VAL A 5 6.45 21.11 11.57
CA VAL A 5 5.58 21.34 10.40
C VAL A 5 5.63 22.82 10.02
N LYS A 6 5.91 23.09 8.80
CA LYS A 6 5.82 24.48 8.19
C LYS A 6 4.48 24.89 7.76
N SER A 7 3.65 23.97 7.19
CA SER A 7 2.30 24.28 6.84
C SER A 7 1.51 22.99 6.78
N THR A 8 0.28 23.10 7.07
CA THR A 8 -0.77 22.03 6.90
C THR A 8 -1.73 22.50 5.93
N LYS A 9 -2.06 21.71 4.89
CA LYS A 9 -3.05 22.10 3.87
C LYS A 9 -3.92 20.87 3.61
N GLN A 10 -5.14 21.04 3.24
CA GLN A 10 -5.97 19.90 2.83
C GLN A 10 -6.85 20.24 1.74
N TRP A 11 -7.33 19.23 1.01
CA TRP A 11 -8.31 19.34 -0.07
C TRP A 11 -9.31 18.27 0.01
N THR A 12 -10.57 18.60 -0.22
CA THR A 12 -11.61 17.62 -0.40
C THR A 12 -11.65 17.25 -1.79
N ILE A 13 -11.46 15.98 -2.11
CA ILE A 13 -11.46 15.50 -3.50
C ILE A 13 -12.67 14.73 -3.93
N GLY A 14 -13.54 14.35 -3.04
CA GLY A 14 -14.74 13.66 -3.39
C GLY A 14 -15.61 13.36 -2.19
N THR A 15 -16.81 12.87 -2.44
CA THR A 15 -17.73 12.38 -1.41
C THR A 15 -17.60 10.89 -1.42
N ASP A 16 -17.30 10.31 -0.22
CA ASP A 16 -17.14 8.88 -0.14
C ASP A 16 -18.42 8.13 -0.44
N VAL A 17 -18.31 6.90 -0.85
CA VAL A 17 -19.43 6.03 -1.21
C VAL A 17 -20.08 5.41 0.01
N GLN A 18 -21.35 5.17 -0.11
CA GLN A 18 -22.14 4.65 1.00
C GLN A 18 -22.17 3.14 1.04
N GLY A 19 -21.96 2.60 2.23
CA GLY A 19 -22.12 1.19 2.39
C GLY A 19 -21.46 0.72 3.71
N SER A 20 -21.66 -0.56 3.94
CA SER A 20 -21.19 -1.08 5.26
C SER A 20 -19.75 -1.46 5.27
N GLU A 21 -19.04 -1.34 4.11
CA GLU A 21 -17.64 -1.51 4.00
C GLU A 21 -17.01 -0.26 3.53
N ARG A 22 -15.71 -0.11 3.84
CA ARG A 22 -14.89 0.91 3.29
C ARG A 22 -14.27 0.43 1.98
N LEU A 23 -14.52 1.13 0.89
CA LEU A 23 -13.94 0.82 -0.41
C LEU A 23 -12.81 1.77 -0.76
N ASN A 24 -12.73 2.94 -0.16
CA ASN A 24 -11.69 3.92 -0.30
C ASN A 24 -10.88 4.03 0.98
N GLY A 25 -9.58 4.04 0.90
CA GLY A 25 -8.74 4.16 2.08
C GLY A 25 -8.45 2.86 2.75
N VAL A 26 -8.00 1.89 1.95
CA VAL A 26 -7.79 0.52 2.39
C VAL A 26 -6.30 0.20 2.39
N SER A 27 -5.87 -0.56 3.43
CA SER A 27 -4.44 -0.67 3.78
C SER A 27 -3.56 -1.08 2.63
N TYR A 28 -4.07 -2.02 1.81
CA TYR A 28 -3.33 -2.65 0.72
C TYR A 28 -3.49 -1.98 -0.61
N GLN A 29 -4.07 -0.78 -0.66
CA GLN A 29 -3.96 0.01 -1.91
C GLN A 29 -2.49 0.31 -2.14
N GLU A 30 -1.98 -0.02 -3.33
CA GLU A 30 -0.55 0.09 -3.61
C GLU A 30 -0.45 0.46 -5.06
N ASP A 31 -0.66 1.74 -5.41
CA ASP A 31 -0.82 2.90 -4.52
C ASP A 31 -2.06 3.66 -4.87
N ALA A 32 -2.51 4.51 -3.92
CA ALA A 32 -3.64 5.41 -4.16
C ALA A 32 -3.22 6.80 -4.59
N LEU A 33 -2.02 7.23 -4.23
CA LEU A 33 -1.56 8.61 -4.34
C LEU A 33 -0.13 8.57 -4.79
N ILE A 34 0.20 9.12 -5.98
CA ILE A 34 1.50 8.96 -6.59
C ILE A 34 1.90 10.28 -7.23
N THR A 35 3.14 10.67 -7.01
CA THR A 35 3.78 11.76 -7.78
C THR A 35 4.67 11.16 -8.82
N TYR A 36 4.49 11.69 -10.06
CA TYR A 36 5.34 11.24 -11.18
C TYR A 36 5.61 12.53 -11.98
N GLY A 37 6.94 12.76 -12.19
CA GLY A 37 7.36 14.05 -12.86
C GLY A 37 6.85 15.17 -12.01
N ASP A 38 6.14 16.11 -12.61
CA ASP A 38 5.67 17.31 -12.03
C ASP A 38 4.27 17.31 -11.49
N TYR A 39 3.58 16.14 -11.51
CA TYR A 39 2.18 16.00 -11.17
C TYR A 39 1.95 14.90 -10.07
N GLN A 40 0.92 15.14 -9.36
CA GLN A 40 0.38 14.15 -8.35
C GLN A 40 -0.93 13.60 -8.87
N TYR A 41 -1.13 12.31 -8.67
CA TYR A 41 -2.30 11.54 -9.14
C TYR A 41 -2.95 10.82 -7.96
N VAL A 42 -4.26 10.67 -8.01
CA VAL A 42 -5.01 9.98 -6.96
C VAL A 42 -6.11 9.18 -7.57
N THR A 43 -6.54 8.07 -6.95
CA THR A 43 -7.68 7.30 -7.48
C THR A 43 -8.60 6.84 -6.41
N PHE A 44 -9.89 6.84 -6.70
CA PHE A 44 -10.90 6.54 -5.70
C PHE A 44 -12.21 6.28 -6.37
N TYR A 45 -13.13 5.66 -5.65
CA TYR A 45 -14.51 5.45 -6.10
C TYR A 45 -15.37 6.63 -5.72
N GLU A 46 -16.33 6.96 -6.60
CA GLU A 46 -17.41 7.87 -6.31
C GLU A 46 -18.71 7.27 -6.78
N THR A 47 -19.83 7.71 -6.18
CA THR A 47 -21.11 7.14 -6.53
C THR A 47 -21.55 7.55 -7.93
N ALA A 48 -22.02 6.59 -8.69
CA ALA A 48 -22.53 6.79 -10.05
C ALA A 48 -23.96 7.29 -10.02
N PRO A 49 -24.49 7.72 -11.16
CA PRO A 49 -25.87 8.27 -11.16
C PRO A 49 -26.87 7.26 -10.75
N ALA A 50 -26.73 5.98 -10.91
CA ALA A 50 -27.70 4.97 -10.48
C ALA A 50 -27.82 4.94 -8.94
N GLY A 51 -26.86 5.52 -8.21
CA GLY A 51 -26.98 5.66 -6.78
C GLY A 51 -26.39 4.51 -5.99
N TYR A 52 -26.92 4.31 -4.79
CA TYR A 52 -26.40 3.37 -3.84
C TYR A 52 -25.99 2.05 -4.49
N LEU A 53 -24.77 1.63 -4.22
CA LEU A 53 -24.18 0.36 -4.73
C LEU A 53 -23.84 0.42 -6.19
N ASN A 54 -23.59 1.60 -6.70
CA ASN A 54 -23.09 1.77 -8.07
C ASN A 54 -22.02 2.81 -8.01
N HIS A 55 -20.75 2.45 -8.35
CA HIS A 55 -19.66 3.40 -8.25
C HIS A 55 -18.79 3.39 -9.49
N PHE A 56 -18.15 4.51 -9.74
CA PHE A 56 -17.15 4.58 -10.82
C PHE A 56 -15.78 4.89 -10.19
N VAL A 57 -14.75 4.36 -10.82
CA VAL A 57 -13.36 4.79 -10.54
C VAL A 57 -13.15 6.19 -11.07
N LYS A 58 -12.57 7.05 -10.30
CA LYS A 58 -12.12 8.36 -10.63
C LYS A 58 -10.61 8.44 -10.57
N VAL A 59 -9.99 9.28 -11.42
CA VAL A 59 -8.61 9.56 -11.31
C VAL A 59 -8.43 11.06 -11.25
N GLY A 60 -7.75 11.56 -10.24
CA GLY A 60 -7.40 12.98 -10.15
C GLY A 60 -5.99 13.22 -10.49
N ARG A 61 -5.71 14.46 -10.95
CA ARG A 61 -4.38 14.95 -11.16
C ARG A 61 -4.28 16.39 -10.70
N ARG A 62 -3.11 16.78 -10.25
CA ARG A 62 -2.76 18.22 -10.06
C ARG A 62 -1.31 18.36 -10.27
N ARG A 63 -0.90 19.58 -10.84
CA ARG A 63 0.47 19.91 -10.88
C ARG A 63 0.99 20.16 -9.46
N VAL A 64 2.19 19.66 -9.18
CA VAL A 64 2.79 19.97 -7.85
C VAL A 64 4.16 20.67 -8.03
N SER A 65 4.73 20.71 -9.21
CA SER A 65 6.09 21.34 -9.35
C SER A 65 6.06 22.01 -10.68
N PRO A 66 6.74 23.18 -10.77
CA PRO A 66 7.41 23.92 -9.68
C PRO A 66 6.42 24.66 -8.75
N SER A 67 5.11 24.74 -9.06
CA SER A 67 4.06 25.25 -8.18
C SER A 67 2.88 24.26 -8.12
N VAL A 68 2.05 24.40 -7.12
CA VAL A 68 0.94 23.46 -6.90
C VAL A 68 -0.24 24.08 -7.58
N GLY A 69 -0.87 23.32 -8.46
CA GLY A 69 -2.11 23.71 -9.10
C GLY A 69 -3.33 22.99 -8.58
N ASP A 70 -4.51 23.28 -9.13
CA ASP A 70 -5.73 22.73 -8.70
C ASP A 70 -5.97 21.27 -9.20
N TRP A 71 -6.64 20.51 -8.36
CA TRP A 71 -7.03 19.13 -8.72
C TRP A 71 -7.99 19.19 -9.89
N GLU A 72 -7.91 18.23 -10.78
CA GLU A 72 -8.97 17.97 -11.77
C GLU A 72 -9.17 16.49 -11.85
N PHE A 73 -10.35 16.09 -12.23
CA PHE A 73 -10.78 14.65 -12.16
C PHE A 73 -11.36 14.20 -13.42
N LEU A 74 -11.20 12.91 -13.70
CA LEU A 74 -11.93 12.19 -14.75
C LEU A 74 -12.69 11.07 -14.12
N THR A 75 -13.77 10.64 -14.76
CA THR A 75 -14.65 9.61 -14.27
C THR A 75 -14.70 8.49 -15.26
N LEU A 76 -14.32 7.28 -14.86
CA LEU A 76 -14.32 6.13 -15.74
C LEU A 76 -15.71 5.50 -15.65
N ASP A 77 -16.63 6.04 -16.47
CA ASP A 77 -18.04 5.73 -16.40
C ASP A 77 -18.47 4.54 -17.26
N ASP A 78 -17.52 3.66 -17.54
CA ASP A 78 -17.71 2.46 -18.31
C ASP A 78 -17.54 1.21 -17.55
N TYR A 79 -17.27 1.26 -16.25
CA TYR A 79 -17.13 0.08 -15.39
C TYR A 79 -17.79 0.44 -14.07
N THR A 80 -18.87 -0.28 -13.76
CA THR A 80 -19.62 0.03 -12.57
C THR A 80 -19.24 -0.93 -11.46
N GLN A 81 -18.65 -0.41 -10.40
CA GLN A 81 -18.33 -1.20 -9.23
C GLN A 81 -19.60 -1.38 -8.39
N LYS A 82 -19.92 -2.58 -8.00
CA LYS A 82 -21.21 -2.87 -7.32
C LYS A 82 -21.03 -3.76 -6.17
N THR A 83 -19.91 -4.23 -5.79
CA THR A 83 -19.71 -5.27 -4.75
C THR A 83 -19.28 -4.62 -3.46
N MET A 84 -20.17 -4.70 -2.44
CA MET A 84 -19.90 -4.07 -1.19
C MET A 84 -19.09 -5.01 -0.31
N ASP A 85 -17.81 -5.07 -0.64
CA ASP A 85 -16.86 -5.96 0.02
C ASP A 85 -15.60 -5.13 0.21
N GLY A 86 -15.11 -5.05 1.45
CA GLY A 86 -14.01 -4.20 1.80
C GLY A 86 -12.67 -4.59 1.15
N HIS A 87 -12.60 -5.71 0.49
CA HIS A 87 -11.40 -6.06 -0.21
C HIS A 87 -11.32 -5.38 -1.58
N ASN A 88 -12.40 -4.84 -2.07
CA ASN A 88 -12.55 -4.52 -3.50
C ASN A 88 -12.05 -3.12 -3.86
N MET A 89 -10.84 -2.83 -3.43
CA MET A 89 -10.21 -1.54 -3.57
C MET A 89 -9.51 -1.38 -4.92
N ILE A 90 -8.87 -0.21 -5.07
CA ILE A 90 -8.18 0.20 -6.30
C ILE A 90 -6.68 0.37 -6.00
N SER A 91 -5.82 -0.15 -6.86
CA SER A 91 -4.41 0.21 -6.87
C SER A 91 -4.03 0.80 -8.21
N MET A 92 -3.10 1.75 -8.16
CA MET A 92 -2.60 2.51 -9.33
C MET A 92 -1.07 2.36 -9.39
N GLY A 93 -0.56 2.36 -10.61
CA GLY A 93 0.86 2.40 -10.86
C GLY A 93 1.17 3.26 -12.07
N ILE A 94 2.38 3.81 -12.11
CA ILE A 94 2.79 4.69 -13.25
C ILE A 94 4.15 4.24 -13.71
N SER A 95 4.24 3.79 -14.93
CA SER A 95 5.49 3.28 -15.51
C SER A 95 6.26 4.43 -16.18
N GLY A 96 7.48 4.08 -16.61
CA GLY A 96 8.43 5.10 -17.08
C GLY A 96 8.22 5.51 -18.50
N ASP A 97 7.30 4.91 -19.19
CA ASP A 97 6.69 5.47 -20.42
C ASP A 97 5.60 6.48 -20.14
N GLY A 98 5.31 6.76 -18.89
CA GLY A 98 4.25 7.68 -18.51
C GLY A 98 2.87 7.05 -18.47
N LYS A 99 2.70 5.77 -18.74
CA LYS A 99 1.37 5.21 -18.68
C LYS A 99 0.92 4.97 -17.27
N ILE A 100 -0.39 5.21 -17.08
CA ILE A 100 -1.06 4.99 -15.80
C ILE A 100 -1.86 3.74 -15.86
N HIS A 101 -1.63 2.83 -14.87
CA HIS A 101 -2.25 1.54 -14.78
C HIS A 101 -3.17 1.53 -13.58
N LEU A 102 -4.31 0.83 -13.72
CA LEU A 102 -5.28 0.68 -12.64
C LEU A 102 -5.69 -0.75 -12.54
N SER A 103 -5.85 -1.27 -11.32
CA SER A 103 -6.44 -2.60 -11.13
C SER A 103 -7.30 -2.53 -9.89
N PHE A 104 -8.49 -3.11 -9.94
CA PHE A 104 -9.52 -2.77 -8.96
C PHE A 104 -10.61 -3.81 -8.87
N ASP A 105 -11.34 -3.73 -7.76
CA ASP A 105 -12.61 -4.40 -7.61
C ASP A 105 -12.50 -5.92 -7.57
N HIS A 106 -11.65 -6.44 -6.67
CA HIS A 106 -11.49 -7.90 -6.58
C HIS A 106 -11.67 -8.44 -5.18
N HIS A 107 -12.48 -9.52 -5.11
CA HIS A 107 -12.35 -10.45 -3.99
C HIS A 107 -12.53 -11.85 -4.59
N ASP A 108 -11.45 -12.53 -4.87
CA ASP A 108 -11.49 -13.88 -5.41
C ASP A 108 -12.24 -13.93 -6.74
N VAL A 109 -11.90 -13.04 -7.68
CA VAL A 109 -12.52 -12.97 -8.98
C VAL A 109 -11.45 -12.74 -10.04
N PRO A 110 -11.77 -12.74 -11.32
CA PRO A 110 -10.73 -12.50 -12.32
C PRO A 110 -10.22 -11.06 -12.29
N ILE A 111 -9.00 -10.89 -12.72
CA ILE A 111 -8.40 -9.55 -12.75
C ILE A 111 -9.28 -8.60 -13.53
N ASN A 112 -9.28 -7.35 -13.04
CA ASN A 112 -9.82 -6.17 -13.70
C ASN A 112 -8.65 -5.19 -13.80
N TYR A 113 -8.27 -4.84 -15.01
CA TYR A 113 -7.11 -4.00 -15.23
C TYR A 113 -7.35 -3.04 -16.38
N ARG A 114 -6.80 -1.86 -16.33
CA ARG A 114 -6.80 -1.01 -17.52
C ARG A 114 -5.61 -0.10 -17.49
N ILE A 115 -5.28 0.44 -18.65
CA ILE A 115 -4.12 1.31 -18.80
C ILE A 115 -4.48 2.51 -19.65
N SER A 116 -3.76 3.58 -19.49
CA SER A 116 -3.94 4.75 -20.36
C SER A 116 -3.49 4.36 -21.76
N LYS A 117 -4.15 5.00 -22.74
CA LYS A 117 -3.79 4.78 -24.18
C LYS A 117 -2.36 5.24 -24.46
N ASN A 118 -2.01 6.39 -23.98
CA ASN A 118 -0.70 7.10 -24.17
C ASN A 118 -0.03 7.34 -22.88
N GLY A 119 1.21 7.79 -22.90
CA GLY A 119 1.94 8.04 -21.68
C GLY A 119 1.64 9.37 -21.07
N ILE A 120 0.43 9.47 -20.54
CA ILE A 120 -0.15 10.73 -20.10
C ILE A 120 0.53 11.33 -18.91
N ALA A 121 1.35 10.60 -18.15
CA ALA A 121 2.13 11.18 -17.09
C ALA A 121 3.51 11.71 -17.58
N LYS A 122 3.85 11.38 -18.79
CA LYS A 122 5.12 11.83 -19.44
C LYS A 122 4.81 12.92 -20.46
N ASP A 123 4.02 12.64 -21.41
CA ASP A 123 3.48 13.62 -22.41
C ASP A 123 2.15 14.11 -21.88
N VAL A 124 2.14 15.14 -21.11
CA VAL A 124 1.01 15.48 -20.26
C VAL A 124 -0.10 16.11 -21.11
N PRO A 125 -1.29 15.60 -21.19
CA PRO A 125 -2.30 16.19 -22.09
C PRO A 125 -2.92 17.37 -21.41
N SER A 126 -3.43 18.32 -22.27
CA SER A 126 -4.07 19.50 -21.72
C SER A 126 -5.31 19.16 -20.95
N LYS A 127 -6.18 18.41 -21.49
CA LYS A 127 -7.49 18.07 -20.87
C LYS A 127 -7.35 16.69 -20.23
N TRP A 128 -8.07 16.56 -19.16
CA TRP A 128 -8.02 15.35 -18.32
C TRP A 128 -9.40 14.70 -18.40
N THR A 129 -9.54 13.69 -19.25
CA THR A 129 -10.79 13.07 -19.60
C THR A 129 -10.70 11.58 -19.63
N SER A 130 -11.85 10.93 -19.49
CA SER A 130 -11.89 9.49 -19.45
C SER A 130 -11.48 8.84 -20.69
N ASP A 131 -11.57 9.52 -21.83
CA ASP A 131 -11.14 8.93 -23.08
C ASP A 131 -9.65 8.72 -23.14
N LEU A 132 -8.88 9.20 -22.12
CA LEU A 132 -7.45 8.90 -22.01
C LEU A 132 -7.17 7.42 -21.67
N PHE A 133 -8.17 6.69 -21.25
CA PHE A 133 -7.98 5.28 -20.79
C PHE A 133 -8.55 4.28 -21.79
N ASP A 134 -7.85 3.17 -21.95
CA ASP A 134 -8.37 2.02 -22.68
C ASP A 134 -9.31 1.23 -21.84
N PRO A 135 -10.07 0.30 -22.46
CA PRO A 135 -11.09 -0.46 -21.76
C PRO A 135 -10.58 -1.35 -20.67
N VAL A 136 -11.48 -1.71 -19.77
CA VAL A 136 -11.15 -2.78 -18.80
C VAL A 136 -10.92 -4.10 -19.48
N VAL A 137 -9.86 -4.74 -19.15
CA VAL A 137 -9.53 -6.09 -19.63
C VAL A 137 -9.29 -7.00 -18.47
N HIS A 138 -9.17 -8.28 -18.75
CA HIS A 138 -9.11 -9.33 -17.73
C HIS A 138 -7.96 -10.26 -17.99
N GLU A 139 -6.84 -9.67 -18.32
CA GLU A 139 -5.58 -10.35 -18.59
C GLU A 139 -4.49 -9.28 -18.69
N LEU A 140 -3.24 -9.73 -18.81
CA LEU A 140 -2.07 -8.84 -18.87
C LEU A 140 -1.35 -9.18 -20.19
N VAL A 141 -1.54 -8.36 -21.23
CA VAL A 141 -1.05 -8.67 -22.59
C VAL A 141 0.41 -8.96 -22.58
N GLY A 142 0.86 -10.10 -23.12
CA GLY A 142 2.18 -10.56 -23.13
C GLY A 142 2.42 -11.64 -22.11
N SER A 143 1.61 -11.68 -21.04
CA SER A 143 1.78 -12.62 -19.93
C SER A 143 0.81 -13.76 -20.02
N GLN A 144 0.61 -14.48 -18.94
CA GLN A 144 -0.28 -15.60 -18.90
C GLN A 144 -0.91 -15.65 -17.47
N GLY A 145 -2.00 -16.30 -17.43
CA GLY A 145 -2.70 -16.59 -16.14
C GLY A 145 -1.97 -17.57 -15.26
N PRO A 146 -2.52 -17.85 -14.10
CA PRO A 146 -3.89 -17.57 -13.77
C PRO A 146 -4.18 -16.12 -13.39
N TYR A 147 -5.37 -15.69 -13.78
CA TYR A 147 -5.88 -14.37 -13.46
C TYR A 147 -7.00 -14.40 -12.46
N SER A 148 -7.38 -15.58 -12.00
CA SER A 148 -8.47 -15.77 -11.04
C SER A 148 -8.20 -16.97 -10.19
N PRO A 149 -8.70 -17.07 -8.98
CA PRO A 149 -9.42 -16.01 -8.25
C PRO A 149 -8.42 -15.05 -7.63
N LEU A 150 -8.49 -13.79 -8.01
CA LEU A 150 -7.54 -12.75 -7.63
C LEU A 150 -8.08 -11.89 -6.53
N THR A 151 -7.15 -11.56 -5.60
CA THR A 151 -7.40 -10.51 -4.63
C THR A 151 -6.09 -9.77 -4.42
N TYR A 152 -6.19 -8.46 -4.10
CA TYR A 152 -5.04 -7.64 -3.61
C TYR A 152 -4.04 -7.29 -4.69
N PRO A 153 -4.45 -6.55 -5.73
CA PRO A 153 -3.46 -6.08 -6.69
C PRO A 153 -2.53 -5.02 -6.09
N ARG A 154 -1.23 -5.16 -6.30
CA ARG A 154 -0.23 -4.25 -5.77
C ARG A 154 0.75 -3.92 -6.86
N PHE A 155 1.06 -2.64 -7.10
CA PHE A 155 2.05 -2.23 -8.09
C PHE A 155 3.32 -1.77 -7.38
N GLU A 156 4.45 -1.99 -8.07
CA GLU A 156 5.73 -1.46 -7.59
C GLU A 156 6.55 -1.00 -8.78
N PRO A 157 6.93 0.30 -8.82
CA PRO A 157 7.74 0.82 -9.93
C PRO A 157 9.18 0.45 -9.73
N LEU A 158 9.81 -0.06 -10.78
CA LEU A 158 11.23 -0.47 -10.76
C LEU A 158 12.13 0.65 -11.25
N GLY A 159 13.43 0.45 -11.21
CA GLY A 159 14.38 1.52 -11.51
C GLY A 159 14.53 1.83 -12.95
N ASN A 160 14.15 1.00 -13.86
CA ASN A 160 14.28 1.22 -15.30
C ASN A 160 13.04 1.65 -15.96
N GLY A 161 12.02 2.02 -15.21
CA GLY A 161 10.71 2.40 -15.74
C GLY A 161 9.69 1.30 -15.77
N ASP A 162 10.10 0.07 -15.54
CA ASP A 162 9.17 -1.06 -15.57
C ASP A 162 8.32 -1.05 -14.28
N LEU A 163 7.29 -1.90 -14.28
CA LEU A 163 6.33 -1.93 -13.19
C LEU A 163 6.00 -3.33 -12.83
N LEU A 164 6.05 -3.71 -11.58
CA LEU A 164 5.54 -5.00 -11.16
C LEU A 164 4.07 -4.87 -10.78
N LEU A 165 3.33 -5.95 -11.00
CA LEU A 165 1.96 -6.14 -10.47
C LEU A 165 1.94 -7.46 -9.78
N GLU A 166 1.56 -7.46 -8.52
CA GLU A 166 1.58 -8.64 -7.64
C GLU A 166 0.16 -8.85 -7.09
N PHE A 167 -0.21 -10.11 -6.80
CA PHE A 167 -1.49 -10.39 -6.25
C PHE A 167 -1.59 -11.81 -5.76
N ARG A 168 -2.63 -12.12 -5.01
CA ARG A 168 -2.94 -13.46 -4.55
C ARG A 168 -3.90 -14.14 -5.52
N ILE A 169 -3.59 -15.41 -5.86
CA ILE A 169 -4.49 -16.30 -6.57
C ILE A 169 -4.87 -17.41 -5.61
N GLY A 170 -6.16 -17.52 -5.32
CA GLY A 170 -6.68 -18.51 -4.35
C GLY A 170 -7.64 -17.84 -3.44
N GLN A 171 -7.61 -18.10 -2.17
CA GLN A 171 -8.54 -17.59 -1.19
C GLN A 171 -7.83 -17.43 0.15
N SER A 172 -8.52 -16.72 1.08
CA SER A 172 -8.02 -16.65 2.44
C SER A 172 -7.94 -18.03 3.06
N GLY A 173 -6.83 -18.41 3.57
CA GLY A 173 -6.64 -19.73 4.11
C GLY A 173 -6.16 -20.77 3.10
N SER A 174 -6.03 -20.44 1.84
CA SER A 174 -5.47 -21.37 0.85
C SER A 174 -5.16 -20.59 -0.43
N GLY A 175 -3.97 -20.09 -0.56
CA GLY A 175 -3.64 -19.30 -1.72
C GLY A 175 -2.19 -19.09 -1.88
N ASP A 176 -1.83 -18.59 -3.05
CA ASP A 176 -0.46 -18.35 -3.53
C ASP A 176 -0.36 -16.94 -4.07
N SER A 177 0.81 -16.41 -4.26
CA SER A 177 0.97 -15.08 -4.87
C SER A 177 1.90 -15.13 -6.05
N TYR A 178 1.63 -14.25 -7.02
CA TYR A 178 2.27 -14.16 -8.32
C TYR A 178 2.77 -12.78 -8.60
N ILE A 179 3.80 -12.65 -9.44
CA ILE A 179 4.30 -11.39 -9.88
C ILE A 179 4.30 -11.34 -11.43
N HIS A 180 3.91 -10.23 -11.98
CA HIS A 180 4.00 -9.92 -13.41
C HIS A 180 4.82 -8.67 -13.56
N ARG A 181 5.55 -8.55 -14.69
CA ARG A 181 6.36 -7.38 -14.92
C ARG A 181 5.97 -6.72 -16.24
N TYR A 182 5.70 -5.42 -16.20
CA TYR A 182 5.38 -4.62 -17.38
C TYR A 182 6.67 -3.90 -17.83
N SER A 183 6.98 -4.10 -19.12
CA SER A 183 8.09 -3.38 -19.74
C SER A 183 7.70 -2.05 -20.29
N ALA A 184 8.28 -1.00 -19.79
CA ALA A 184 8.01 0.30 -20.32
C ALA A 184 8.59 0.47 -21.76
N SER A 185 9.54 -0.34 -22.14
CA SER A 185 10.13 -0.24 -23.49
C SER A 185 9.29 -0.95 -24.50
N THR A 186 8.67 -2.07 -24.20
CA THR A 186 7.86 -2.75 -25.17
C THR A 186 6.39 -2.67 -25.00
N GLY A 187 5.93 -2.24 -23.82
CA GLY A 187 4.54 -2.22 -23.51
C GLY A 187 3.91 -3.59 -23.24
N LYS A 188 4.72 -4.60 -23.04
CA LYS A 188 4.24 -5.94 -22.81
C LYS A 188 4.49 -6.31 -21.33
N TRP A 189 3.57 -7.14 -20.88
CA TRP A 189 3.73 -7.85 -19.57
C TRP A 189 4.43 -9.15 -19.74
N GLN A 190 5.09 -9.64 -18.73
CA GLN A 190 5.63 -10.97 -18.67
C GLN A 190 5.40 -11.61 -17.37
N ALA A 191 5.24 -12.91 -17.29
CA ALA A 191 4.96 -13.60 -16.08
C ALA A 191 6.21 -13.97 -15.35
N TYR A 192 6.38 -13.51 -14.11
CA TYR A 192 7.48 -13.95 -13.27
C TYR A 192 7.02 -15.14 -12.51
N GLY A 193 5.79 -15.52 -12.50
CA GLY A 193 5.29 -16.71 -11.94
C GLY A 193 4.91 -16.65 -10.43
N MET A 194 4.60 -17.81 -9.90
CA MET A 194 4.27 -17.92 -8.47
C MET A 194 5.53 -17.70 -7.69
N TYR A 195 5.50 -16.79 -6.72
CA TYR A 195 6.67 -16.54 -5.90
C TYR A 195 6.54 -17.00 -4.48
N ILE A 196 5.30 -17.12 -3.99
CA ILE A 196 5.08 -17.69 -2.69
CA ILE A 196 4.99 -17.63 -2.62
C ILE A 196 3.85 -18.61 -2.82
N GLN A 197 3.98 -19.80 -2.23
CA GLN A 197 2.98 -20.84 -2.30
C GLN A 197 2.48 -21.16 -0.89
N GLY A 198 1.19 -21.10 -0.71
CA GLY A 198 0.59 -21.54 0.52
C GLY A 198 0.58 -23.05 0.73
N ASP A 199 0.23 -23.47 1.90
CA ASP A 199 0.20 -24.89 2.26
C ASP A 199 -0.99 -25.12 3.15
N ASP A 200 -2.14 -25.14 2.54
CA ASP A 200 -3.40 -25.01 3.24
CA ASP A 200 -3.40 -25.02 3.28
C ASP A 200 -3.45 -23.77 4.14
N ASN A 201 -2.84 -22.70 3.61
CA ASN A 201 -2.81 -21.38 4.25
C ASN A 201 -2.50 -20.42 3.13
N ASN A 202 -2.38 -19.11 3.48
CA ASN A 202 -1.88 -18.12 2.54
C ASN A 202 -1.00 -17.12 3.19
N ALA A 203 0.00 -16.67 2.50
CA ALA A 203 0.80 -15.52 2.92
C ALA A 203 0.05 -14.22 2.65
N TYR A 204 0.16 -13.31 3.63
CA TYR A 204 -0.37 -11.97 3.51
C TYR A 204 0.78 -10.99 3.58
N ILE A 205 1.24 -10.50 2.43
CA ILE A 205 2.34 -9.54 2.41
C ILE A 205 1.88 -8.19 2.90
N ASN A 206 2.85 -7.37 3.35
CA ASN A 206 2.59 -6.05 3.85
C ASN A 206 2.74 -4.97 2.79
N GLY A 207 3.31 -5.30 1.64
CA GLY A 207 3.64 -4.32 0.61
C GLY A 207 4.76 -4.85 -0.22
N LEU A 208 5.13 -4.08 -1.24
CA LEU A 208 6.36 -4.30 -1.99
C LEU A 208 7.22 -3.07 -1.81
N ASP A 209 8.51 -3.26 -1.60
CA ASP A 209 9.42 -2.11 -1.46
C ASP A 209 10.63 -2.34 -2.29
N TYR A 210 10.80 -1.54 -3.38
CA TYR A 210 11.97 -1.65 -4.24
C TYR A 210 12.94 -0.47 -3.99
N LEU A 211 14.21 -0.76 -3.93
CA LEU A 211 15.24 0.29 -3.76
C LEU A 211 16.55 -0.18 -4.29
N ASP A 212 17.15 0.55 -5.26
CA ASP A 212 18.54 0.34 -5.67
C ASP A 212 18.73 -1.03 -6.10
N GLY A 213 17.82 -1.57 -6.89
CA GLY A 213 18.01 -2.87 -7.41
C GLY A 213 17.55 -4.10 -6.59
N LYS A 214 16.98 -3.84 -5.42
CA LYS A 214 16.50 -4.93 -4.52
C LYS A 214 15.02 -4.72 -4.22
N LEU A 215 14.33 -5.84 -4.13
CA LEU A 215 12.89 -5.85 -3.85
C LEU A 215 12.69 -6.58 -2.52
N TYR A 216 11.96 -5.93 -1.60
CA TYR A 216 11.79 -6.42 -0.23
C TYR A 216 10.35 -6.65 0.06
N THR A 217 10.05 -7.73 0.77
CA THR A 217 8.69 -7.95 1.28
C THR A 217 8.72 -8.66 2.59
N SER A 218 7.57 -8.55 3.28
CA SER A 218 7.35 -9.15 4.59
C SER A 218 5.92 -9.62 4.67
N TRP A 219 5.64 -10.61 5.51
CA TRP A 219 4.32 -11.17 5.54
C TRP A 219 4.03 -11.89 6.83
N THR A 220 2.75 -12.19 7.02
CA THR A 220 2.30 -13.17 8.01
C THR A 220 1.59 -14.29 7.29
N VAL A 221 1.39 -15.45 7.93
CA VAL A 221 0.72 -16.57 7.33
C VAL A 221 -0.62 -16.80 7.99
N ARG A 222 -1.68 -16.91 7.16
CA ARG A 222 -3.05 -17.08 7.62
C ARG A 222 -3.53 -18.49 7.38
N GLU A 223 -3.96 -19.19 8.43
CA GLU A 223 -4.46 -20.57 8.28
C GLU A 223 -5.88 -20.63 7.73
N THR A 224 -6.77 -19.79 8.19
CA THR A 224 -8.18 -19.93 7.83
C THR A 224 -8.80 -18.61 7.54
N PRO A 225 -10.04 -18.50 7.10
CA PRO A 225 -10.67 -17.21 6.94
C PRO A 225 -10.87 -16.42 8.20
N ASN A 226 -10.65 -17.00 9.37
CA ASN A 226 -10.73 -16.26 10.65
C ASN A 226 -9.40 -15.49 10.88
N ALA A 227 -9.50 -14.21 11.01
CA ALA A 227 -8.32 -13.35 11.17
C ALA A 227 -7.51 -13.63 12.41
N ASP A 228 -8.02 -14.39 13.42
CA ASP A 228 -7.22 -14.76 14.54
C ASP A 228 -6.13 -15.79 14.19
N THR A 229 -6.16 -16.32 12.97
CA THR A 229 -5.25 -17.43 12.61
C THR A 229 -4.04 -16.99 11.83
N ASN A 230 -3.68 -15.69 11.88
CA ASN A 230 -2.37 -15.26 11.44
C ASN A 230 -1.31 -15.71 12.42
N HIS A 231 -0.14 -16.04 11.87
CA HIS A 231 1.02 -16.35 12.70
C HIS A 231 2.29 -16.02 11.94
N GLY A 232 3.28 -15.56 12.71
CA GLY A 232 4.61 -15.28 12.23
C GLY A 232 4.78 -13.97 11.56
N VAL A 233 6.01 -13.45 11.63
CA VAL A 233 6.44 -12.29 10.79
C VAL A 233 7.62 -12.80 9.97
N TYR A 234 7.52 -12.73 8.68
CA TYR A 234 8.44 -13.29 7.72
C TYR A 234 9.01 -12.21 6.81
N PHE A 235 10.15 -12.47 6.20
CA PHE A 235 10.84 -11.55 5.31
C PHE A 235 11.60 -12.26 4.24
N ALA A 236 11.65 -11.66 3.07
CA ALA A 236 12.57 -12.09 2.02
C ALA A 236 12.88 -10.92 1.14
N TYR A 237 13.97 -11.04 0.34
CA TYR A 237 14.28 -10.02 -0.64
C TYR A 237 14.77 -10.69 -1.91
N SER A 238 14.75 -9.90 -2.98
CA SER A 238 15.20 -10.35 -4.29
C SER A 238 16.13 -9.34 -4.88
N ASN A 239 17.12 -9.87 -5.66
CA ASN A 239 18.03 -9.03 -6.40
C ASN A 239 17.67 -8.98 -7.87
N ASP A 240 16.64 -9.61 -8.32
CA ASP A 240 16.29 -9.71 -9.74
C ASP A 240 14.84 -9.44 -9.98
N ASP A 241 14.31 -8.53 -9.12
CA ASP A 241 12.91 -7.99 -9.31
C ASP A 241 11.85 -9.02 -9.13
N GLY A 242 12.15 -10.07 -8.33
CA GLY A 242 11.10 -11.01 -8.01
C GLY A 242 11.19 -12.40 -8.52
N LYS A 243 12.23 -12.64 -9.37
CA LYS A 243 12.41 -13.96 -9.92
C LYS A 243 12.97 -14.95 -8.90
N THR A 244 13.98 -14.54 -8.18
CA THR A 244 14.61 -15.38 -7.16
C THR A 244 14.73 -14.60 -5.86
N TRP A 245 14.71 -15.29 -4.76
CA TRP A 245 14.54 -14.73 -3.42
C TRP A 245 15.55 -15.31 -2.42
N PHE A 246 15.84 -14.54 -1.41
CA PHE A 246 16.76 -14.86 -0.33
C PHE A 246 16.14 -14.53 0.99
N ASN A 247 16.49 -15.20 2.03
CA ASN A 247 16.09 -14.84 3.37
C ASN A 247 17.01 -13.79 3.93
N THR A 248 16.76 -13.41 5.20
CA THR A 248 17.47 -12.31 5.81
C THR A 248 18.94 -12.60 6.01
N ASN A 249 19.30 -13.84 6.03
CA ASN A 249 20.74 -14.26 6.16
C ASN A 249 21.34 -14.47 4.81
N ASP A 250 20.74 -14.05 3.69
CA ASP A 250 21.24 -14.20 2.34
C ASP A 250 21.28 -15.60 1.87
N THR A 251 20.49 -16.51 2.37
CA THR A 251 20.39 -17.84 1.90
C THR A 251 19.35 -17.93 0.77
N LYS A 252 19.66 -18.51 -0.37
CA LYS A 252 18.72 -18.62 -1.45
C LYS A 252 17.59 -19.51 -1.11
N LEU A 253 16.33 -19.14 -1.48
CA LEU A 253 15.16 -19.90 -1.21
C LEU A 253 14.75 -20.71 -2.41
N THR A 254 13.93 -21.72 -2.16
CA THR A 254 13.20 -22.40 -3.25
C THR A 254 12.27 -21.44 -3.96
N LYS A 255 11.95 -21.72 -5.21
CA LYS A 255 11.04 -20.93 -6.06
C LYS A 255 9.90 -21.83 -6.41
N PRO A 256 8.66 -21.59 -6.02
CA PRO A 256 8.25 -20.55 -5.08
C PRO A 256 8.69 -20.75 -3.65
N ILE A 257 8.67 -19.69 -2.86
CA ILE A 257 8.85 -19.79 -1.43
C ILE A 257 7.67 -20.49 -0.85
N SER A 258 7.80 -21.52 -0.02
CA SER A 258 6.68 -22.12 0.64
C SER A 258 6.37 -21.43 1.96
N THR A 259 5.14 -21.27 2.32
CA THR A 259 4.80 -20.82 3.68
C THR A 259 5.26 -21.78 4.71
N SER A 260 5.53 -23.05 4.38
CA SER A 260 6.02 -24.03 5.34
C SER A 260 7.49 -23.95 5.53
N ASP A 261 8.22 -23.08 4.86
CA ASP A 261 9.67 -22.92 5.03
C ASP A 261 9.90 -21.94 6.13
N ASP A 262 10.36 -22.40 7.29
CA ASP A 262 10.55 -21.50 8.39
CA ASP A 262 10.58 -21.55 8.41
C ASP A 262 11.81 -20.65 8.24
N SER A 263 12.60 -20.84 7.20
CA SER A 263 13.85 -20.09 7.11
C SER A 263 13.68 -18.63 6.86
N THR A 264 12.46 -18.16 6.46
CA THR A 264 12.12 -16.77 6.27
C THR A 264 11.51 -16.14 7.52
N LEU A 265 11.31 -16.86 8.58
CA LEU A 265 10.68 -16.33 9.78
C LEU A 265 11.66 -15.36 10.44
N ILE A 266 11.24 -14.19 10.79
CA ILE A 266 12.05 -13.22 11.51
C ILE A 266 11.49 -12.96 12.89
N TRP A 267 10.25 -13.34 13.22
CA TRP A 267 9.76 -13.20 14.58
C TRP A 267 8.64 -14.14 14.79
N ASP A 268 8.66 -14.92 15.87
CA ASP A 268 7.62 -15.86 16.19
C ASP A 268 6.44 -15.12 16.82
N ILE A 269 5.32 -15.18 16.18
CA ILE A 269 4.05 -14.58 16.69
C ILE A 269 3.00 -15.61 16.56
N PRO A 270 2.47 -16.21 17.63
CA PRO A 270 1.47 -17.24 17.51
C PRO A 270 0.14 -16.73 16.98
N GLN A 271 -0.69 -17.67 16.59
CA GLN A 271 -2.08 -17.35 16.37
C GLN A 271 -2.71 -16.78 17.66
N ASN A 272 -3.78 -15.99 17.52
CA ASN A 272 -4.46 -15.42 18.67
C ASN A 272 -3.62 -14.34 19.34
N SER A 273 -2.70 -13.71 18.66
CA SER A 273 -1.96 -12.65 19.19
C SER A 273 -2.53 -11.27 18.88
N ARG A 274 -3.63 -11.24 18.11
CA ARG A 274 -4.31 -10.01 17.71
C ARG A 274 -3.48 -9.17 16.77
N MET A 275 -2.67 -9.87 15.96
CA MET A 275 -1.87 -9.27 14.88
C MET A 275 -2.65 -9.38 13.58
N VAL A 276 -2.79 -8.23 12.89
CA VAL A 276 -3.53 -8.20 11.63
C VAL A 276 -2.57 -8.34 10.42
N ASN A 277 -3.11 -8.96 9.38
CA ASN A 277 -2.44 -9.04 8.09
C ASN A 277 -2.50 -7.73 7.33
N GLN A 278 -1.48 -7.57 6.47
CA GLN A 278 -1.42 -6.49 5.48
C GLN A 278 -1.45 -5.09 6.10
N GLU A 279 -0.47 -4.88 7.01
CA GLU A 279 -0.36 -3.60 7.71
C GLU A 279 0.62 -2.74 6.93
N GLY A 280 1.90 -2.59 7.34
CA GLY A 280 2.81 -1.69 6.66
C GLY A 280 4.22 -2.17 6.64
N GLN A 281 4.98 -1.71 5.64
CA GLN A 281 6.42 -1.95 5.61
C GLN A 281 7.06 -0.81 4.88
N LEU A 282 8.42 -0.77 4.98
CA LEU A 282 9.21 0.28 4.36
C LEU A 282 10.63 -0.14 4.23
N ILE A 283 11.20 0.02 3.01
CA ILE A 283 12.66 0.12 2.87
C ILE A 283 13.03 1.59 2.95
N ASP A 284 13.82 1.97 3.96
CA ASP A 284 14.22 3.38 3.98
C ASP A 284 15.37 3.61 3.02
N THR A 285 15.67 4.91 2.79
CA THR A 285 16.62 5.25 1.74
C THR A 285 18.03 4.78 2.13
N LYS A 286 18.32 4.42 3.35
CA LYS A 286 19.59 3.85 3.75
C LYS A 286 19.59 2.33 3.71
N GLY A 287 18.50 1.70 3.23
CA GLY A 287 18.47 0.26 3.11
C GLY A 287 18.14 -0.47 4.39
N ARG A 288 17.66 0.22 5.42
CA ARG A 288 17.09 -0.47 6.60
C ARG A 288 15.65 -0.78 6.28
N PHE A 289 15.24 -2.00 6.62
CA PHE A 289 13.88 -2.43 6.36
C PHE A 289 13.07 -2.40 7.64
N HIS A 290 11.85 -1.96 7.53
CA HIS A 290 10.95 -1.73 8.65
C HIS A 290 9.62 -2.42 8.41
N ILE A 291 9.02 -2.98 9.45
CA ILE A 291 7.66 -3.53 9.38
C ILE A 291 6.86 -2.86 10.48
N LEU A 292 5.59 -2.55 10.18
CA LEU A 292 4.61 -2.10 11.17
C LEU A 292 3.59 -3.20 11.33
N MET A 293 3.43 -3.74 12.54
CA MET A 293 2.33 -4.68 12.80
C MET A 293 1.72 -4.23 14.17
N ARG A 294 0.99 -5.14 14.81
CA ARG A 294 0.40 -4.91 16.13
C ARG A 294 0.29 -6.22 16.78
N ASP A 295 0.17 -6.23 18.13
CA ASP A 295 -0.23 -7.44 18.86
C ASP A 295 -0.56 -7.05 20.32
N LEU A 296 -1.10 -8.05 21.02
CA LEU A 296 -1.46 -7.98 22.45
C LEU A 296 -0.44 -8.70 23.31
N LEU A 297 0.69 -9.09 22.82
CA LEU A 297 1.54 -10.01 23.59
C LEU A 297 2.12 -9.34 24.82
N SER A 298 2.21 -8.04 24.93
CA SER A 298 2.70 -7.43 26.20
C SER A 298 1.59 -7.43 27.21
N GLY A 299 0.39 -7.74 26.92
CA GLY A 299 -0.73 -7.51 27.80
C GLY A 299 -1.56 -6.34 27.43
N GLU A 300 -1.07 -5.48 26.52
CA GLU A 300 -1.79 -4.34 25.98
C GLU A 300 -1.72 -4.39 24.44
N HIS A 301 -2.74 -3.91 23.78
CA HIS A 301 -2.69 -3.81 22.32
C HIS A 301 -1.75 -2.69 21.96
N GLN A 302 -0.75 -2.94 21.11
CA GLN A 302 0.18 -1.90 20.71
C GLN A 302 0.60 -2.14 19.29
N TYR A 303 0.79 -1.04 18.59
CA TYR A 303 1.55 -1.07 17.33
C TYR A 303 2.99 -1.49 17.60
N GLN A 304 3.58 -2.19 16.66
CA GLN A 304 4.92 -2.78 16.78
C GLN A 304 5.76 -2.40 15.61
N HIS A 305 7.01 -1.99 15.86
CA HIS A 305 7.99 -1.67 14.86
C HIS A 305 9.07 -2.76 14.81
N TYR A 306 9.19 -3.46 13.70
CA TYR A 306 10.24 -4.40 13.45
C TYR A 306 11.26 -3.72 12.62
N LEU A 307 12.55 -3.86 12.98
CA LEU A 307 13.63 -3.20 12.24
C LEU A 307 14.69 -4.24 11.87
N ARG A 308 15.09 -4.28 10.64
CA ARG A 308 16.21 -5.07 10.14
C ARG A 308 17.39 -4.08 10.08
N LYS A 309 18.25 -4.18 11.03
CA LYS A 309 19.38 -3.18 11.46
C LYS A 309 20.51 -3.48 10.54
N ALA A 310 21.36 -2.46 10.34
CA ALA A 310 22.51 -2.58 9.35
C ALA A 310 23.44 -3.73 9.73
N ASP A 311 23.54 -4.09 11.02
CA ASP A 311 24.40 -5.20 11.42
C ASP A 311 23.73 -6.54 11.18
N GLY A 312 22.44 -6.57 10.75
CA GLY A 312 21.76 -7.76 10.32
C GLY A 312 20.77 -8.02 11.39
N THR A 313 20.91 -7.61 12.69
CA THR A 313 20.01 -8.13 13.66
C THR A 313 18.59 -7.47 13.44
N TRP A 314 17.58 -8.25 13.71
CA TRP A 314 16.21 -7.73 13.84
C TRP A 314 15.90 -7.35 15.23
N THR A 315 15.21 -6.26 15.42
CA THR A 315 14.65 -5.85 16.69
C THR A 315 13.13 -5.62 16.59
N LYS A 316 12.48 -5.66 17.69
CA LYS A 316 11.03 -5.39 17.79
C LYS A 316 10.81 -4.39 18.91
N ASN A 317 10.14 -3.30 18.70
CA ASN A 317 9.91 -2.23 19.71
CA ASN A 317 9.80 -2.37 19.78
C ASN A 317 8.42 -1.80 19.60
N ALA A 318 7.70 -1.71 20.69
CA ALA A 318 6.39 -1.15 20.62
C ALA A 318 6.44 0.27 20.28
N ILE A 319 5.47 0.77 19.51
CA ILE A 319 5.34 2.17 19.21
C ILE A 319 4.31 2.75 20.16
N ASN A 320 4.76 3.38 21.24
CA ASN A 320 3.89 3.79 22.29
C ASN A 320 4.14 5.25 22.73
N PRO A 321 4.07 6.21 21.85
CA PRO A 321 4.12 7.61 22.24
C PRO A 321 2.88 7.99 23.02
N ALA A 322 3.03 9.02 23.91
CA ALA A 322 1.94 9.46 24.73
C ALA A 322 0.71 9.77 23.89
N GLY A 323 -0.42 9.29 24.33
CA GLY A 323 -1.69 9.65 23.72
C GLY A 323 -2.19 8.70 22.58
N LEU A 324 -1.33 7.75 22.17
CA LEU A 324 -1.74 6.83 21.05
C LEU A 324 -2.48 5.73 21.64
N ASN A 325 -3.65 5.45 21.22
CA ASN A 325 -4.41 4.30 21.62
C ASN A 325 -4.09 3.10 20.78
N GLY A 326 -3.64 2.00 21.34
CA GLY A 326 -3.21 0.84 20.59
C GLY A 326 -4.35 0.09 20.01
N PRO A 327 -4.16 -0.45 18.79
CA PRO A 327 -5.21 -1.07 18.01
C PRO A 327 -5.36 -2.56 18.24
N ASP A 328 -6.58 -3.04 18.17
CA ASP A 328 -6.90 -4.44 18.14
C ASP A 328 -6.99 -4.92 16.68
N LEU A 329 -7.19 -6.21 16.53
CA LEU A 329 -7.10 -6.92 15.25
C LEU A 329 -7.88 -6.25 14.14
N TYR A 330 -9.11 -5.80 14.39
CA TYR A 330 -9.99 -5.31 13.30
C TYR A 330 -9.92 -3.82 13.14
N ASP A 331 -9.12 -3.08 13.88
CA ASP A 331 -9.02 -1.66 13.75
C ASP A 331 -8.20 -1.23 12.52
N PRO A 332 -8.42 -0.05 11.99
CA PRO A 332 -7.65 0.39 10.81
C PRO A 332 -6.15 0.24 10.96
N ARG A 333 -5.51 -0.05 9.80
CA ARG A 333 -4.09 -0.33 9.70
C ARG A 333 -3.29 0.89 9.27
N GLY A 334 -2.04 0.98 9.71
CA GLY A 334 -1.17 2.09 9.45
C GLY A 334 -0.10 1.84 8.42
N LYS A 335 0.73 2.87 8.26
CA LYS A 335 1.86 2.85 7.30
C LYS A 335 3.09 3.48 7.91
N LEU A 336 4.24 3.18 7.30
CA LEU A 336 5.53 3.81 7.62
C LEU A 336 6.04 4.49 6.40
N ALA A 337 6.46 5.76 6.56
CA ALA A 337 7.06 6.58 5.48
C ALA A 337 8.45 7.04 5.88
N GLY A 338 9.24 7.36 4.91
CA GLY A 338 10.58 7.84 5.18
C GLY A 338 10.97 8.99 4.32
N ASP A 339 11.79 9.88 4.94
CA ASP A 339 12.30 11.05 4.14
C ASP A 339 13.44 10.64 3.24
N ALA A 340 13.88 11.63 2.39
CA ALA A 340 14.93 11.40 1.51
C ALA A 340 16.27 10.95 2.18
N SER A 341 16.52 11.54 3.36
CA SER A 341 17.83 11.31 3.98
C SER A 341 17.93 10.00 4.66
N GLY A 342 16.76 9.36 5.00
CA GLY A 342 16.72 8.13 5.77
C GLY A 342 16.84 8.31 7.26
N GLU A 343 16.93 9.55 7.72
CA GLU A 343 17.00 9.81 9.15
C GLU A 343 15.65 9.77 9.89
N TYR A 344 14.56 10.11 9.17
CA TYR A 344 13.28 10.32 9.75
C TYR A 344 12.29 9.19 9.31
N LEU A 345 11.74 8.51 10.28
CA LEU A 345 10.71 7.47 10.13
C LEU A 345 9.44 8.00 10.58
N PHE A 346 8.39 8.00 9.72
CA PHE A 346 7.09 8.49 10.06
C PHE A 346 6.12 7.35 10.28
N GLY A 347 5.48 7.28 11.41
CA GLY A 347 4.37 6.35 11.64
C GLY A 347 3.11 7.09 11.34
N ILE A 348 2.33 6.59 10.36
CA ILE A 348 1.06 7.18 9.98
C ILE A 348 0.04 6.26 10.50
N LEU A 349 -0.49 6.55 11.70
CA LEU A 349 -1.12 5.55 12.55
C LEU A 349 -2.49 5.94 12.87
N PRO A 350 -3.53 5.28 12.34
CA PRO A 350 -4.92 5.61 12.71
C PRO A 350 -5.18 5.17 14.13
N ASP A 351 -5.92 6.04 14.87
CA ASP A 351 -6.18 5.84 16.30
C ASP A 351 -7.60 5.46 16.49
N PRO A 352 -7.94 4.28 17.00
CA PRO A 352 -9.35 3.84 17.01
C PRO A 352 -10.26 4.50 18.01
N VAL A 353 -9.69 5.09 18.95
CA VAL A 353 -10.53 5.82 19.98
C VAL A 353 -10.76 7.26 19.50
N LYS A 354 -9.76 7.92 19.00
CA LYS A 354 -9.84 9.31 18.56
C LYS A 354 -10.55 9.43 17.19
N GLN A 355 -10.61 8.39 16.39
CA GLN A 355 -11.11 8.51 15.06
CA GLN A 355 -11.09 8.47 14.96
C GLN A 355 -10.37 9.59 14.23
N SER A 356 -9.01 9.48 14.26
CA SER A 356 -8.13 10.39 13.61
C SER A 356 -6.88 9.61 13.17
N THR A 357 -6.05 10.24 12.41
CA THR A 357 -4.78 9.61 12.03
C THR A 357 -3.66 10.43 12.60
N GLY A 358 -2.82 9.76 13.42
CA GLY A 358 -1.65 10.44 14.00
C GLY A 358 -0.46 10.36 13.15
N ILE A 359 0.35 11.38 13.01
CA ILE A 359 1.55 11.32 12.36
C ILE A 359 2.65 11.43 13.44
N TYR A 360 3.41 10.39 13.61
CA TYR A 360 4.48 10.32 14.62
C TYR A 360 5.78 10.22 13.91
N VAL A 361 6.91 10.71 14.50
CA VAL A 361 8.21 10.63 13.91
C VAL A 361 9.21 10.02 14.89
N ALA A 362 10.10 9.24 14.41
CA ALA A 362 11.24 8.70 15.14
C ALA A 362 12.43 8.93 14.29
N THR A 363 13.66 8.93 14.92
CA THR A 363 14.87 9.21 14.23
C THR A 363 15.93 8.10 14.31
N ALA A 364 16.63 7.93 13.22
CA ALA A 364 17.64 6.87 13.14
C ALA A 364 18.77 7.06 14.21
N SER A 365 19.03 8.31 14.53
CA SER A 365 20.08 8.63 15.56
C SER A 365 19.68 8.11 16.89
N LYS A 366 18.40 7.98 17.24
CA LYS A 366 17.95 7.45 18.45
C LYS A 366 17.45 6.03 18.32
N ASP A 367 17.93 5.31 17.32
CA ASP A 367 17.53 3.95 17.09
C ASP A 367 16.01 3.82 16.94
N PHE A 368 15.37 4.88 16.41
CA PHE A 368 13.92 4.91 16.24
C PHE A 368 13.13 4.69 17.46
N LYS A 369 13.66 4.96 18.66
CA LYS A 369 12.93 4.78 19.88
C LYS A 369 12.22 6.03 20.37
N ASP A 370 12.52 7.13 19.78
CA ASP A 370 12.07 8.44 20.16
C ASP A 370 10.75 8.90 19.48
N TRP A 371 9.76 8.01 19.48
CA TRP A 371 8.50 8.37 18.81
C TRP A 371 7.93 9.61 19.42
N LYS A 372 7.60 10.57 18.59
CA LYS A 372 7.01 11.84 19.00
C LYS A 372 5.85 12.20 18.11
N SER A 373 4.80 12.81 18.65
CA SER A 373 3.70 13.33 17.86
C SER A 373 4.18 14.43 17.03
N LEU A 374 3.94 14.45 15.72
CA LEU A 374 4.32 15.48 14.82
C LEU A 374 3.14 16.19 14.28
N ALA A 375 2.04 15.49 13.95
CA ALA A 375 0.86 16.11 13.38
C ALA A 375 -0.31 15.17 13.54
N GLU A 376 -1.47 15.59 13.14
CA GLU A 376 -2.66 14.77 13.19
C GLU A 376 -3.57 15.12 12.04
N ILE A 377 -4.27 14.16 11.48
CA ILE A 377 -5.37 14.40 10.56
C ILE A 377 -6.57 14.08 11.31
N PRO A 378 -7.41 15.11 11.65
CA PRO A 378 -8.60 14.86 12.36
C PRO A 378 -9.71 14.12 11.51
N ASN A 379 -10.62 13.52 12.16
CA ASN A 379 -11.86 13.05 11.51
C ASN A 379 -11.59 12.05 10.40
N THR A 380 -10.96 10.91 10.74
CA THR A 380 -10.70 9.85 9.78
C THR A 380 -11.27 8.59 10.19
N SER A 381 -11.78 7.80 9.19
CA SER A 381 -12.12 6.38 9.35
C SER A 381 -11.51 5.67 8.15
N THR A 382 -10.21 5.44 8.28
CA THR A 382 -9.40 5.17 7.06
C THR A 382 -8.22 4.36 7.47
N GLU A 383 -7.64 3.69 6.43
CA GLU A 383 -6.32 3.07 6.57
C GLU A 383 -5.42 4.00 5.77
N PRO A 384 -4.66 4.92 6.40
CA PRO A 384 -4.05 6.05 5.70
C PRO A 384 -3.02 5.57 4.72
N LEU A 385 -2.87 6.33 3.64
CA LEU A 385 -1.99 6.00 2.50
C LEU A 385 -1.22 7.25 2.12
N PHE A 386 0.02 7.17 1.76
CA PHE A 386 0.83 8.36 1.48
C PHE A 386 1.50 8.28 0.12
N ASP A 387 2.16 9.39 -0.22
CA ASP A 387 2.83 9.52 -1.51
C ASP A 387 4.35 9.48 -1.32
N LYS A 388 4.98 8.37 -1.60
CA LYS A 388 6.38 8.20 -1.34
C LYS A 388 7.20 9.22 -2.04
N THR A 389 6.98 9.35 -3.36
CA THR A 389 7.83 10.24 -4.19
C THR A 389 7.69 11.67 -3.79
N ARG A 390 6.52 12.14 -3.46
CA ARG A 390 6.39 13.57 -3.09
C ARG A 390 7.19 13.81 -1.86
N LEU A 391 7.21 12.89 -0.86
CA LEU A 391 7.96 13.17 0.34
C LEU A 391 9.41 13.12 0.00
N HIS A 392 9.93 12.24 -0.76
CA HIS A 392 11.32 12.25 -1.12
C HIS A 392 11.73 13.49 -1.86
N GLU A 393 10.95 13.92 -2.79
CA GLU A 393 11.37 15.01 -3.68
C GLU A 393 11.13 16.36 -3.07
N SER A 394 10.12 16.61 -2.31
CA SER A 394 9.86 17.94 -1.81
CA SER A 394 9.70 17.92 -1.86
C SER A 394 9.64 18.04 -0.33
N GLY A 395 9.84 16.97 0.45
CA GLY A 395 9.68 17.08 1.86
C GLY A 395 8.33 17.41 2.32
N ILE A 396 7.31 17.00 1.52
CA ILE A 396 5.93 17.17 1.84
C ILE A 396 5.27 15.76 2.06
N LEU A 397 4.76 15.54 3.21
CA LEU A 397 4.03 14.27 3.50
C LEU A 397 2.60 14.50 3.11
N SER A 398 2.16 13.76 2.05
CA SER A 398 0.84 13.91 1.45
C SER A 398 0.11 12.60 1.70
N VAL A 399 -1.04 12.68 2.34
CA VAL A 399 -1.82 11.54 2.86
C VAL A 399 -3.19 11.57 2.35
N PHE A 400 -3.66 10.45 1.76
CA PHE A 400 -5.03 10.30 1.29
C PHE A 400 -5.85 9.65 2.39
N VAL A 401 -7.00 10.20 2.73
CA VAL A 401 -7.86 9.71 3.77
C VAL A 401 -9.34 9.77 3.45
N ARG A 402 -10.06 8.85 4.01
CA ARG A 402 -11.52 8.81 4.15
C ARG A 402 -11.86 9.37 5.51
N GLN A 403 -12.81 10.32 5.56
CA GLN A 403 -13.27 10.87 6.85
C GLN A 403 -14.00 9.90 7.61
N ALA A 404 -14.28 10.25 8.90
CA ALA A 404 -15.17 9.60 9.63
C ALA A 404 -16.53 10.35 9.35
N GLY A 405 -17.53 9.86 9.98
CA GLY A 405 -18.90 10.48 9.77
C GLY A 405 -19.72 9.74 8.81
N GLY A 406 -20.96 10.22 8.61
CA GLY A 406 -21.95 9.55 7.90
C GLY A 406 -22.07 10.01 6.45
N PHE A 407 -22.50 9.15 5.56
CA PHE A 407 -22.78 9.58 4.17
C PHE A 407 -23.93 10.59 4.20
N PRO A 408 -23.90 11.68 3.41
CA PRO A 408 -22.87 12.09 2.48
C PRO A 408 -21.94 13.16 2.99
N ASP A 409 -21.85 13.36 4.25
CA ASP A 409 -20.91 14.29 4.86
C ASP A 409 -19.46 13.80 4.82
N ARG A 410 -19.31 12.47 4.72
CA ARG A 410 -17.98 11.88 4.82
C ARG A 410 -17.22 12.05 3.52
N LYS A 411 -16.20 12.83 3.55
CA LYS A 411 -15.41 13.17 2.37
C LYS A 411 -14.14 12.36 2.22
N LEU A 412 -13.59 12.39 1.05
CA LEU A 412 -12.24 11.93 0.73
C LEU A 412 -11.34 13.14 0.64
N GLN A 413 -10.15 13.08 1.24
CA GLN A 413 -9.28 14.23 1.30
C GLN A 413 -7.84 13.84 1.04
N VAL A 414 -7.05 14.85 0.65
CA VAL A 414 -5.61 14.78 0.64
C VAL A 414 -5.08 15.84 1.60
N TRP A 415 -4.26 15.45 2.54
CA TRP A 415 -3.61 16.36 3.50
C TRP A 415 -2.16 16.41 3.24
N ASP A 416 -1.60 17.65 3.13
CA ASP A 416 -0.23 17.87 2.92
C ASP A 416 0.44 18.51 4.12
N PHE A 417 1.43 17.86 4.68
CA PHE A 417 2.26 18.39 5.77
C PHE A 417 3.59 18.72 5.25
N GLU A 418 3.92 20.07 5.11
CA GLU A 418 5.15 20.55 4.60
C GLU A 418 6.14 20.52 5.73
N LEU A 419 7.11 19.67 5.67
CA LEU A 419 8.00 19.43 6.80
C LEU A 419 9.20 20.33 6.73
N ASP A 420 9.72 20.69 7.91
CA ASP A 420 10.88 21.58 8.00
C ASP A 420 12.13 20.74 7.99
N LEU A 421 12.27 19.94 6.92
CA LEU A 421 13.39 19.07 6.72
C LEU A 421 14.58 19.91 6.24
C1 NAG B . 18.79 -16.52 10.02
C2 NAG B . 19.82 -16.75 11.13
C3 NAG B . 19.11 -16.95 12.46
C4 NAG B . 18.14 -15.80 12.76
C5 NAG B . 17.23 -15.66 11.54
C6 NAG B . 16.14 -14.64 11.66
C7 NAG B . 21.91 -17.77 10.22
C8 NAG B . 22.65 -19.12 10.05
N2 NAG B . 20.71 -17.92 10.79
O3 NAG B . 20.14 -16.99 13.51
O4 NAG B . 17.34 -16.16 13.90
O5 NAG B . 18.02 -15.43 10.39
O6 NAG B . 16.68 -13.44 11.93
O7 NAG B . 22.42 -16.65 10.02
C1 NAG B . 17.29 -15.25 14.95
C2 NAG B . 16.19 -15.68 15.89
C3 NAG B . 16.25 -14.88 17.14
C4 NAG B . 17.62 -14.88 17.76
C5 NAG B . 18.63 -14.45 16.70
C6 NAG B . 20.08 -14.42 17.24
C7 NAG B . 14.13 -16.51 14.80
C8 NAG B . 12.80 -16.10 14.25
N2 NAG B . 14.87 -15.51 15.23
O3 NAG B . 15.29 -15.45 18.05
O4 NAG B . 17.60 -13.88 18.83
O5 NAG B . 18.56 -15.32 15.64
O6 NAG B . 20.33 -15.75 17.71
O7 NAG B . 14.49 -17.69 14.78
C1 BMA B . 18.13 -14.29 20.10
C2 BMA B . 18.18 -13.03 20.98
C3 BMA B . 18.55 -13.48 22.37
C4 BMA B . 17.92 -14.77 22.86
C5 BMA B . 17.93 -15.88 21.82
C6 BMA B . 16.97 -17.01 22.23
O2 BMA B . 16.84 -12.47 21.11
O3 BMA B . 18.24 -12.38 23.23
O4 BMA B . 18.64 -15.37 24.00
O5 BMA B . 17.44 -15.42 20.52
O6 BMA B . 17.17 -18.26 21.51
C1 MAN B . 19.41 -12.20 23.99
C2 MAN B . 19.07 -11.30 25.18
C3 MAN B . 18.60 -9.96 24.58
C4 MAN B . 19.71 -9.43 23.70
C5 MAN B . 20.02 -10.39 22.55
C6 MAN B . 21.20 -9.89 21.75
O2 MAN B . 20.23 -11.32 26.07
O3 MAN B . 18.22 -9.06 25.62
O4 MAN B . 19.39 -8.17 23.13
O5 MAN B . 20.34 -11.69 23.07
O6 MAN B . 20.84 -8.56 21.29
CA CA C . 5.33 -0.14 -2.57
NA NA D . -6.31 -23.25 5.43
#